data_7M29
#
_entry.id   7M29
#
_entity_poly.entity_id   1
_entity_poly.type   'polypeptide(L)'
_entity_poly.pdbx_seq_one_letter_code
;GYFPVGVD
;
_entity_poly.pdbx_strand_id   A
#
# COMPACT_ATOMS: atom_id res chain seq x y z
N GLY A 1 -2.11 -3.63 -2.12
CA GLY A 1 -2.27 -2.67 -3.20
C GLY A 1 -3.01 -1.46 -2.70
N TYR A 2 -2.99 -1.29 -1.40
CA TYR A 2 -3.69 -0.22 -0.73
C TYR A 2 -2.69 0.69 -0.05
N PHE A 3 -3.17 1.53 0.82
CA PHE A 3 -2.33 2.45 1.53
C PHE A 3 -1.98 1.86 2.91
N PRO A 4 -0.74 2.07 3.39
CA PRO A 4 0.31 2.77 2.65
C PRO A 4 1.00 1.84 1.64
N VAL A 5 1.89 2.40 0.84
CA VAL A 5 2.59 1.64 -0.19
C VAL A 5 3.36 0.48 0.42
N GLY A 6 2.90 -0.70 0.15
CA GLY A 6 3.50 -1.88 0.68
C GLY A 6 2.46 -2.84 1.16
N VAL A 7 1.32 -2.30 1.57
CA VAL A 7 0.23 -3.13 2.05
C VAL A 7 -0.66 -3.57 0.88
N ASP A 8 -0.32 -4.73 0.33
CA ASP A 8 -1.01 -5.36 -0.83
C ASP A 8 -1.08 -4.44 -2.04
N GLY A 1 -1.70 -1.48 -3.37
CA GLY A 1 -1.41 -0.46 -4.36
C GLY A 1 -1.46 0.95 -3.80
N TYR A 2 -2.34 1.17 -2.86
CA TYR A 2 -2.49 2.48 -2.29
C TYR A 2 -1.83 2.57 -0.92
N PHE A 3 -1.68 3.79 -0.45
CA PHE A 3 -1.01 4.08 0.82
C PHE A 3 -1.76 3.54 2.03
N PRO A 4 -1.03 2.99 3.03
CA PRO A 4 0.44 2.82 2.97
C PRO A 4 0.88 1.82 1.90
N VAL A 5 1.80 2.26 1.04
CA VAL A 5 2.31 1.42 -0.02
C VAL A 5 3.08 0.26 0.56
N GLY A 6 3.01 -0.86 -0.07
CA GLY A 6 3.64 -2.04 0.45
C GLY A 6 2.61 -2.94 1.07
N VAL A 7 1.51 -2.35 1.49
CA VAL A 7 0.40 -3.11 2.01
C VAL A 7 -0.48 -3.50 0.81
N ASP A 8 -0.65 -2.56 -0.10
CA ASP A 8 -1.38 -2.75 -1.34
C ASP A 8 -0.97 -1.64 -2.28
N GLY A 1 -1.15 -3.75 -2.01
CA GLY A 1 -1.00 -3.01 -3.23
C GLY A 1 -1.63 -1.66 -3.10
N TYR A 2 -1.91 -1.26 -1.87
CA TYR A 2 -2.61 -0.05 -1.57
C TYR A 2 -1.71 0.85 -0.74
N PHE A 3 -2.28 1.91 -0.22
CA PHE A 3 -1.55 2.81 0.63
C PHE A 3 -1.98 2.61 2.08
N PRO A 4 -1.06 2.64 3.06
CA PRO A 4 0.39 2.88 2.85
C PRO A 4 1.04 1.87 1.91
N VAL A 5 1.85 2.37 0.99
CA VAL A 5 2.48 1.56 -0.05
C VAL A 5 3.22 0.36 0.52
N GLY A 6 2.95 -0.80 -0.03
CA GLY A 6 3.56 -2.01 0.44
C GLY A 6 2.55 -2.92 1.08
N VAL A 7 1.42 -2.37 1.45
CA VAL A 7 0.36 -3.16 2.05
C VAL A 7 -0.58 -3.64 0.96
N ASP A 8 -0.37 -4.90 0.52
CA ASP A 8 -1.18 -5.60 -0.54
C ASP A 8 -0.95 -5.02 -1.92
N GLY A 1 -1.04 -0.82 -3.10
CA GLY A 1 -0.28 -0.05 -4.07
C GLY A 1 -0.42 1.41 -3.73
N TYR A 2 -1.49 1.71 -3.03
CA TYR A 2 -1.73 3.01 -2.50
C TYR A 2 -1.29 3.00 -1.04
N PHE A 3 -1.44 4.11 -0.36
CA PHE A 3 -0.97 4.23 1.02
C PHE A 3 -1.78 3.36 2.00
N PRO A 4 -1.10 2.56 2.86
CA PRO A 4 0.36 2.51 2.94
C PRO A 4 0.95 1.65 1.84
N VAL A 5 1.84 2.24 1.05
CA VAL A 5 2.44 1.53 -0.06
C VAL A 5 3.28 0.37 0.45
N GLY A 6 2.96 -0.80 -0.03
CA GLY A 6 3.59 -1.99 0.44
C GLY A 6 2.53 -2.91 0.97
N VAL A 7 1.56 -2.31 1.62
CA VAL A 7 0.41 -3.03 2.14
C VAL A 7 -0.64 -3.05 1.02
N ASP A 8 -0.60 -2.01 0.24
CA ASP A 8 -1.43 -1.84 -0.95
C ASP A 8 -0.53 -1.14 -1.95
N GLY A 1 -1.27 -0.73 -2.93
CA GLY A 1 -0.57 0.06 -3.91
C GLY A 1 -0.69 1.51 -3.55
N TYR A 2 -1.79 1.83 -2.89
CA TYR A 2 -2.01 3.14 -2.34
C TYR A 2 -1.37 3.16 -0.98
N PHE A 3 -1.38 4.31 -0.32
CA PHE A 3 -0.81 4.41 1.02
C PHE A 3 -1.66 3.60 2.01
N PRO A 4 -1.04 2.79 2.87
CA PRO A 4 0.42 2.63 2.94
C PRO A 4 0.96 1.71 1.85
N VAL A 5 1.82 2.27 1.02
CA VAL A 5 2.41 1.55 -0.09
C VAL A 5 3.25 0.42 0.45
N GLY A 6 2.91 -0.76 0.05
CA GLY A 6 3.55 -1.94 0.52
C GLY A 6 2.51 -2.93 0.90
N VAL A 7 1.55 -2.46 1.68
CA VAL A 7 0.42 -3.28 2.07
C VAL A 7 -0.60 -3.23 0.94
N ASP A 8 -0.66 -2.08 0.32
CA ASP A 8 -1.53 -1.84 -0.81
C ASP A 8 -0.67 -1.14 -1.86
N GLY A 1 -2.11 -3.66 -2.33
CA GLY A 1 -2.59 -2.60 -3.18
C GLY A 1 -3.31 -1.54 -2.38
N TYR A 2 -3.12 -1.57 -1.08
CA TYR A 2 -3.75 -0.66 -0.17
C TYR A 2 -2.69 0.28 0.38
N PHE A 3 -3.10 1.35 1.02
CA PHE A 3 -2.16 2.34 1.51
C PHE A 3 -1.91 2.18 3.01
N PRO A 4 -0.70 2.49 3.49
CA PRO A 4 0.40 3.03 2.67
C PRO A 4 1.05 1.95 1.80
N VAL A 5 1.75 2.39 0.77
CA VAL A 5 2.40 1.51 -0.19
C VAL A 5 3.26 0.45 0.47
N GLY A 6 2.90 -0.77 0.19
CA GLY A 6 3.54 -1.90 0.77
C GLY A 6 2.52 -2.91 1.19
N VAL A 7 1.33 -2.43 1.50
CA VAL A 7 0.25 -3.30 1.91
C VAL A 7 -0.53 -3.75 0.67
N ASP A 8 0.09 -4.64 -0.12
CA ASP A 8 -0.46 -5.16 -1.39
C ASP A 8 -0.86 -4.07 -2.38
N GLY A 1 -1.54 -1.78 -3.43
CA GLY A 1 -1.31 -0.67 -4.33
C GLY A 1 -2.05 0.58 -3.89
N TYR A 2 -2.15 0.75 -2.61
CA TYR A 2 -2.80 1.85 -1.99
C TYR A 2 -1.85 2.39 -0.95
N PHE A 3 -2.31 3.27 -0.10
CA PHE A 3 -1.49 3.80 0.96
C PHE A 3 -1.93 3.17 2.27
N PRO A 4 -1.00 2.74 3.14
CA PRO A 4 0.45 2.85 2.91
C PRO A 4 0.95 1.87 1.82
N VAL A 5 1.87 2.33 0.99
CA VAL A 5 2.41 1.52 -0.08
C VAL A 5 3.19 0.35 0.49
N GLY A 6 2.91 -0.82 -0.01
CA GLY A 6 3.54 -2.00 0.50
C GLY A 6 2.50 -2.92 1.07
N VAL A 7 1.43 -2.34 1.58
CA VAL A 7 0.28 -3.11 2.03
C VAL A 7 -0.37 -3.69 0.80
N ASP A 8 -0.56 -2.82 -0.16
CA ASP A 8 -1.13 -3.14 -1.43
C ASP A 8 -0.83 -1.94 -2.32
N GLY A 1 -1.44 -0.87 -3.00
CA GLY A 1 -0.81 -0.10 -4.06
C GLY A 1 -0.87 1.36 -3.73
N TYR A 2 -1.87 1.69 -2.93
CA TYR A 2 -2.03 3.02 -2.41
C TYR A 2 -1.39 3.04 -1.05
N PHE A 3 -1.54 4.08 -0.32
CA PHE A 3 -0.95 4.18 0.99
C PHE A 3 -1.77 3.34 1.99
N PRO A 4 -1.10 2.56 2.87
CA PRO A 4 0.36 2.47 2.95
C PRO A 4 0.95 1.63 1.80
N VAL A 5 1.87 2.22 1.06
CA VAL A 5 2.47 1.57 -0.08
C VAL A 5 3.34 0.42 0.37
N GLY A 6 2.91 -0.76 0.03
CA GLY A 6 3.55 -1.97 0.47
C GLY A 6 2.50 -2.89 0.97
N VAL A 7 1.54 -2.32 1.66
CA VAL A 7 0.39 -3.06 2.14
C VAL A 7 -0.61 -3.09 1.01
N ASP A 8 -0.75 -1.96 0.36
CA ASP A 8 -1.60 -1.81 -0.80
C ASP A 8 -0.81 -1.11 -1.86
N GLY A 1 -1.92 -3.36 -1.86
CA GLY A 1 -2.02 -2.58 -3.06
C GLY A 1 -2.61 -1.23 -2.79
N TYR A 2 -3.10 -1.04 -1.58
CA TYR A 2 -3.65 0.23 -1.17
C TYR A 2 -2.61 0.93 -0.33
N PHE A 3 -2.92 2.08 0.21
CA PHE A 3 -1.97 2.79 1.03
C PHE A 3 -2.03 2.30 2.48
N PRO A 4 -0.91 2.30 3.23
CA PRO A 4 0.41 2.75 2.75
C PRO A 4 1.02 1.84 1.69
N VAL A 5 1.92 2.41 0.89
CA VAL A 5 2.59 1.69 -0.17
C VAL A 5 3.38 0.51 0.40
N GLY A 6 2.89 -0.66 0.16
CA GLY A 6 3.52 -1.83 0.65
C GLY A 6 2.53 -2.85 1.14
N VAL A 7 1.33 -2.42 1.48
CA VAL A 7 0.32 -3.34 2.01
C VAL A 7 -0.83 -3.62 1.01
N ASP A 8 -0.78 -4.80 0.39
CA ASP A 8 -1.81 -5.37 -0.54
C ASP A 8 -1.86 -4.65 -1.90
N GLY A 1 -1.35 -0.87 -2.93
CA GLY A 1 -0.65 -0.23 -4.01
C GLY A 1 -0.48 1.23 -3.70
N TYR A 2 -1.48 1.74 -3.02
CA TYR A 2 -1.50 3.09 -2.54
C TYR A 2 -1.11 3.06 -1.08
N PHE A 3 -1.11 4.21 -0.43
CA PHE A 3 -0.69 4.35 0.96
C PHE A 3 -1.63 3.55 1.89
N PRO A 4 -1.09 2.68 2.79
CA PRO A 4 0.36 2.47 2.97
C PRO A 4 0.95 1.63 1.85
N VAL A 5 1.87 2.21 1.11
CA VAL A 5 2.44 1.57 -0.06
C VAL A 5 3.31 0.41 0.38
N GLY A 6 2.88 -0.76 0.03
CA GLY A 6 3.56 -1.98 0.44
C GLY A 6 2.55 -2.94 0.98
N VAL A 7 1.56 -2.36 1.63
CA VAL A 7 0.42 -3.11 2.12
C VAL A 7 -0.63 -3.07 1.03
N ASP A 8 -0.74 -1.91 0.43
CA ASP A 8 -1.62 -1.67 -0.67
C ASP A 8 -0.77 -1.09 -1.78
N GLY A 1 -1.38 -0.84 -2.93
CA GLY A 1 -0.70 -0.14 -3.98
C GLY A 1 -0.63 1.32 -3.66
N TYR A 2 -1.66 1.81 -3.00
CA TYR A 2 -1.71 3.16 -2.51
C TYR A 2 -1.18 3.14 -1.09
N PHE A 3 -1.16 4.28 -0.42
CA PHE A 3 -0.73 4.31 0.98
C PHE A 3 -1.68 3.47 1.83
N PRO A 4 -1.17 2.58 2.70
CA PRO A 4 0.27 2.38 2.94
C PRO A 4 0.94 1.58 1.82
N VAL A 5 1.90 2.22 1.15
CA VAL A 5 2.58 1.62 0.03
C VAL A 5 3.34 0.36 0.46
N GLY A 6 2.92 -0.75 -0.07
CA GLY A 6 3.52 -2.00 0.29
C GLY A 6 2.49 -2.90 0.90
N VAL A 7 1.58 -2.29 1.62
CA VAL A 7 0.47 -3.01 2.23
C VAL A 7 -0.65 -3.02 1.19
N ASP A 8 -0.71 -1.95 0.44
CA ASP A 8 -1.61 -1.79 -0.69
C ASP A 8 -0.78 -1.13 -1.80
N GLY A 1 -1.24 -0.93 -3.23
CA GLY A 1 -0.73 0.08 -4.13
C GLY A 1 -0.82 1.50 -3.58
N TYR A 2 -1.81 1.76 -2.77
CA TYR A 2 -1.98 3.09 -2.21
C TYR A 2 -1.44 3.11 -0.80
N PHE A 3 -1.49 4.27 -0.15
CA PHE A 3 -0.98 4.45 1.21
C PHE A 3 -1.70 3.51 2.19
N PRO A 4 -0.97 2.69 2.96
CA PRO A 4 0.48 2.64 2.96
C PRO A 4 1.02 1.71 1.87
N VAL A 5 1.78 2.29 0.94
CA VAL A 5 2.37 1.54 -0.15
C VAL A 5 3.24 0.43 0.42
N GLY A 6 2.89 -0.77 0.07
CA GLY A 6 3.55 -1.92 0.60
C GLY A 6 2.52 -2.89 1.06
N VAL A 7 1.47 -2.37 1.66
CA VAL A 7 0.33 -3.19 2.05
C VAL A 7 -0.53 -3.37 0.81
N ASP A 8 -0.63 -2.31 0.04
CA ASP A 8 -1.28 -2.31 -1.25
C ASP A 8 -0.66 -1.19 -2.07
N GLY A 1 -1.78 -3.40 -2.11
CA GLY A 1 -1.72 -2.51 -3.22
C GLY A 1 -2.51 -1.26 -2.90
N TYR A 2 -2.60 -0.98 -1.62
CA TYR A 2 -3.35 0.13 -1.13
C TYR A 2 -2.41 1.01 -0.34
N PHE A 3 -2.93 1.97 0.37
CA PHE A 3 -2.09 2.80 1.20
C PHE A 3 -2.07 2.22 2.61
N PRO A 4 -0.91 2.24 3.29
CA PRO A 4 0.35 2.78 2.74
C PRO A 4 1.02 1.82 1.75
N VAL A 5 1.84 2.37 0.86
CA VAL A 5 2.54 1.58 -0.16
C VAL A 5 3.33 0.43 0.45
N GLY A 6 2.95 -0.75 0.08
CA GLY A 6 3.55 -1.93 0.60
C GLY A 6 2.50 -2.86 1.14
N VAL A 7 1.38 -2.31 1.54
CA VAL A 7 0.28 -3.09 2.05
C VAL A 7 -0.65 -3.47 0.90
N ASP A 8 -0.43 -4.70 0.38
CA ASP A 8 -1.20 -5.29 -0.74
C ASP A 8 -1.04 -4.47 -2.01
N GLY A 1 -1.45 -1.10 -3.13
CA GLY A 1 -0.91 -0.18 -4.10
C GLY A 1 -1.11 1.23 -3.62
N TYR A 2 -2.19 1.42 -2.90
CA TYR A 2 -2.49 2.69 -2.30
C TYR A 2 -1.76 2.79 -0.97
N PHE A 3 -1.87 3.92 -0.32
CA PHE A 3 -1.20 4.13 0.94
C PHE A 3 -1.89 3.31 2.04
N PRO A 4 -1.12 2.66 2.94
CA PRO A 4 0.35 2.67 2.93
C PRO A 4 0.93 1.74 1.85
N VAL A 5 1.85 2.27 1.06
CA VAL A 5 2.47 1.53 -0.03
C VAL A 5 3.27 0.33 0.47
N GLY A 6 2.94 -0.81 -0.05
CA GLY A 6 3.57 -2.03 0.38
C GLY A 6 2.55 -2.94 0.98
N VAL A 7 1.53 -2.32 1.58
CA VAL A 7 0.41 -3.05 2.12
C VAL A 7 -0.58 -3.28 0.98
N ASP A 8 -0.67 -2.28 0.15
CA ASP A 8 -1.49 -2.29 -1.02
C ASP A 8 -0.82 -1.35 -2.01
N GLY A 1 -2.34 -3.76 -2.02
CA GLY A 1 -2.76 -2.79 -3.00
C GLY A 1 -3.51 -1.67 -2.33
N TYR A 2 -3.22 -1.48 -1.08
CA TYR A 2 -3.85 -0.49 -0.25
C TYR A 2 -2.81 0.53 0.18
N PHE A 3 -3.20 1.48 0.97
CA PHE A 3 -2.28 2.45 1.50
C PHE A 3 -1.99 2.10 2.96
N PRO A 4 -0.76 2.33 3.46
CA PRO A 4 0.35 2.89 2.68
C PRO A 4 0.95 1.90 1.66
N VAL A 5 1.87 2.38 0.86
CA VAL A 5 2.51 1.58 -0.17
C VAL A 5 3.28 0.44 0.49
N GLY A 6 2.93 -0.76 0.12
CA GLY A 6 3.56 -1.92 0.67
C GLY A 6 2.53 -2.88 1.19
N VAL A 7 1.34 -2.36 1.47
CA VAL A 7 0.26 -3.18 1.98
C VAL A 7 -0.63 -3.66 0.82
N ASP A 8 -0.19 -4.75 0.18
CA ASP A 8 -0.89 -5.41 -0.97
C ASP A 8 -1.22 -4.42 -2.11
N GLY A 1 -1.69 -2.21 -3.52
CA GLY A 1 -1.72 -0.98 -4.33
C GLY A 1 -2.63 0.10 -3.73
N TYR A 2 -2.47 0.33 -2.45
CA TYR A 2 -3.22 1.26 -1.68
C TYR A 2 -2.19 1.96 -0.79
N PHE A 3 -2.65 2.76 0.13
CA PHE A 3 -1.74 3.43 1.04
C PHE A 3 -1.96 2.93 2.44
N PRO A 4 -0.90 2.76 3.23
CA PRO A 4 0.48 3.04 2.82
C PRO A 4 1.02 1.98 1.85
N VAL A 5 1.86 2.43 0.93
CA VAL A 5 2.46 1.59 -0.11
C VAL A 5 3.17 0.40 0.53
N GLY A 6 2.91 -0.78 0.03
CA GLY A 6 3.51 -1.96 0.59
C GLY A 6 2.48 -2.95 1.04
N VAL A 7 1.35 -2.44 1.54
CA VAL A 7 0.27 -3.32 1.99
C VAL A 7 -0.41 -3.97 0.77
N ASP A 8 -0.49 -3.21 -0.29
CA ASP A 8 -1.03 -3.57 -1.59
C ASP A 8 -1.01 -2.29 -2.38
N GLY A 1 -1.89 -3.76 -2.09
CA GLY A 1 -2.01 -2.85 -3.18
C GLY A 1 -2.85 -1.71 -2.73
N TYR A 2 -2.65 -1.35 -1.48
CA TYR A 2 -3.38 -0.32 -0.82
C TYR A 2 -2.40 0.75 -0.37
N PHE A 3 -2.86 1.62 0.48
CA PHE A 3 -2.02 2.62 1.10
C PHE A 3 -2.03 2.37 2.60
N PRO A 4 -0.90 2.47 3.32
CA PRO A 4 0.40 2.89 2.75
C PRO A 4 0.98 1.89 1.75
N VAL A 5 1.87 2.38 0.91
CA VAL A 5 2.49 1.59 -0.15
C VAL A 5 3.30 0.44 0.45
N GLY A 6 2.90 -0.76 0.11
CA GLY A 6 3.54 -1.94 0.59
C GLY A 6 2.54 -2.88 1.20
N VAL A 7 1.35 -2.39 1.44
CA VAL A 7 0.30 -3.21 1.99
C VAL A 7 -0.62 -3.69 0.87
N ASP A 8 -0.35 -4.90 0.36
CA ASP A 8 -1.10 -5.56 -0.75
C ASP A 8 -1.05 -4.73 -2.03
N GLY A 1 -1.49 -1.09 -3.07
CA GLY A 1 -0.91 -0.30 -4.13
C GLY A 1 -1.04 1.17 -3.83
N TYR A 2 -1.91 1.44 -2.88
CA TYR A 2 -2.16 2.76 -2.38
C TYR A 2 -1.62 2.81 -0.96
N PHE A 3 -1.33 4.00 -0.48
CA PHE A 3 -0.80 4.21 0.87
C PHE A 3 -1.68 3.52 1.94
N PRO A 4 -1.07 2.77 2.87
CA PRO A 4 0.39 2.57 2.97
C PRO A 4 0.94 1.67 1.85
N VAL A 5 1.82 2.24 1.05
CA VAL A 5 2.45 1.56 -0.06
C VAL A 5 3.26 0.39 0.47
N GLY A 6 2.92 -0.78 -0.01
CA GLY A 6 3.55 -1.99 0.44
C GLY A 6 2.52 -2.92 0.95
N VAL A 7 1.53 -2.36 1.62
CA VAL A 7 0.41 -3.10 2.12
C VAL A 7 -0.56 -3.26 0.96
N ASP A 8 -0.76 -2.18 0.27
CA ASP A 8 -1.58 -2.13 -0.91
C ASP A 8 -0.84 -1.33 -1.96
N GLY A 1 -2.07 -0.84 -2.76
CA GLY A 1 -1.54 -0.11 -3.88
C GLY A 1 -1.56 1.36 -3.56
N TYR A 2 -2.49 1.73 -2.72
CA TYR A 2 -2.61 3.07 -2.23
C TYR A 2 -1.78 3.13 -0.94
N PHE A 3 -1.93 4.16 -0.18
CA PHE A 3 -1.19 4.28 1.05
C PHE A 3 -1.89 3.44 2.13
N PRO A 4 -1.14 2.70 2.95
CA PRO A 4 0.31 2.64 2.92
C PRO A 4 0.84 1.71 1.83
N VAL A 5 1.81 2.20 1.10
CA VAL A 5 2.40 1.45 0.01
C VAL A 5 3.21 0.27 0.55
N GLY A 6 3.07 -0.85 -0.10
CA GLY A 6 3.68 -2.07 0.35
C GLY A 6 2.63 -2.95 1.00
N VAL A 7 1.58 -2.31 1.47
CA VAL A 7 0.46 -2.98 2.09
C VAL A 7 -0.67 -3.03 1.07
N ASP A 8 -0.96 -1.90 0.50
CA ASP A 8 -1.98 -1.75 -0.51
C ASP A 8 -1.33 -1.05 -1.70
N GLY A 1 -1.42 -1.03 -1.77
CA GLY A 1 -1.20 -0.95 -3.19
C GLY A 1 -1.00 0.48 -3.47
N TYR A 2 -1.82 1.24 -2.80
CA TYR A 2 -1.69 2.65 -2.70
C TYR A 2 -1.15 2.84 -1.29
N PHE A 3 -1.31 3.99 -0.69
CA PHE A 3 -0.82 4.17 0.66
C PHE A 3 -1.77 3.54 1.68
N PRO A 4 -1.23 2.82 2.70
CA PRO A 4 0.22 2.62 2.92
C PRO A 4 0.86 1.70 1.88
N VAL A 5 1.89 2.22 1.22
CA VAL A 5 2.56 1.54 0.13
C VAL A 5 3.21 0.24 0.62
N GLY A 6 3.04 -0.80 -0.15
CA GLY A 6 3.59 -2.08 0.18
C GLY A 6 2.54 -2.97 0.79
N VAL A 7 1.62 -2.36 1.48
CA VAL A 7 0.57 -3.09 2.16
C VAL A 7 -0.69 -3.07 1.32
N ASP A 8 -1.13 -1.89 1.00
CA ASP A 8 -2.37 -1.74 0.27
C ASP A 8 -2.16 -1.93 -1.22
#